data_4L0J
#
_entry.id   4L0J
#
_cell.length_a   109.173
_cell.length_b   109.173
_cell.length_c   56.801
_cell.angle_alpha   90.00
_cell.angle_beta   90.00
_cell.angle_gamma   90.00
#
_symmetry.space_group_name_H-M   'P 43 21 2'
#
loop_
_entity.id
_entity.type
_entity.pdbx_description
1 polymer 'DNA helicase I'
2 non-polymer 'SULFATE ION'
3 non-polymer 'MAGNESIUM ION'
4 water water
#
_entity_poly.entity_id   1
_entity_poly.type   'polypeptide(L)'
_entity_poly.pdbx_seq_one_letter_code
;VQVLITDSGQRTGTGSAL(MSE)A(MSE)KDAGVNTYRWQGGEQRPATIISEPDRNVRYARLAGDFAASVKAGEESVAQV
SGVREQAILTQAIRSELKTQGVLGHPEVT(MSE)TALSPVWLDSRSRYLRD(MSE)YRPG(MSE)V(MSE)EQWNPETRS
HDRYVIDRVTAQSHSLTLRDAQGETQVVRISSLDSSWSLFRPEK(MSE)PVADGERLRVTGKIPGLRVSGGDRLQVASVS
EDA(MSE)TVVVPGRAEPASLPVSDSPFTALKLENGWVETPGHSVSDSATVFASVTQ(MSE)A(MSE)DNATLNGLARSG
RDVRLYS
;
_entity_poly.pdbx_strand_id   A
#
# COMPACT_ATOMS: atom_id res chain seq x y z
N ASP A 46 19.07 0.64 -22.57
CA ASP A 46 19.07 1.49 -21.33
C ASP A 46 17.71 1.38 -20.59
N ARG A 47 17.75 1.35 -19.25
CA ARG A 47 16.55 1.11 -18.45
C ARG A 47 15.42 2.14 -18.62
N ASN A 48 15.78 3.44 -18.58
CA ASN A 48 14.77 4.50 -18.70
C ASN A 48 14.08 4.47 -20.07
N VAL A 49 14.85 4.14 -21.10
CA VAL A 49 14.29 3.92 -22.44
C VAL A 49 13.32 2.74 -22.50
N ARG A 50 13.75 1.60 -21.98
CA ARG A 50 13.00 0.37 -22.00
C ARG A 50 11.71 0.56 -21.20
N TYR A 51 11.81 1.19 -20.02
CA TYR A 51 10.62 1.42 -19.17
C TYR A 51 9.63 2.38 -19.81
N ALA A 52 10.12 3.44 -20.47
CA ALA A 52 9.27 4.33 -21.23
C ALA A 52 8.47 3.54 -22.26
N ARG A 53 9.11 2.63 -23.00
CA ARG A 53 8.36 1.93 -24.02
C ARG A 53 7.35 0.95 -23.39
N LEU A 54 7.76 0.29 -22.32
CA LEU A 54 6.83 -0.62 -21.59
C LEU A 54 5.56 0.19 -21.15
N ALA A 55 5.83 1.35 -20.56
CA ALA A 55 4.73 2.22 -20.11
C ALA A 55 3.80 2.63 -21.21
N GLY A 56 4.37 2.98 -22.37
CA GLY A 56 3.55 3.34 -23.53
C GLY A 56 2.61 2.20 -23.92
N ASP A 57 3.14 0.96 -23.99
CA ASP A 57 2.27 -0.21 -24.31
C ASP A 57 1.20 -0.48 -23.26
N PHE A 58 1.63 -0.41 -21.99
CA PHE A 58 0.75 -0.70 -20.84
C PHE A 58 -0.37 0.35 -20.87
N ALA A 59 0.00 1.62 -21.03
CA ALA A 59 -1.07 2.69 -20.98
C ALA A 59 -2.05 2.61 -22.12
N ALA A 60 -1.52 2.33 -23.29
CA ALA A 60 -2.39 2.20 -24.48
C ALA A 60 -3.42 1.06 -24.27
N SER A 61 -3.01 -0.07 -23.69
CA SER A 61 -3.98 -1.13 -23.41
C SER A 61 -4.99 -0.79 -22.27
N VAL A 62 -4.56 -0.10 -21.20
CA VAL A 62 -5.53 0.34 -20.18
C VAL A 62 -6.55 1.30 -20.82
N LYS A 63 -6.06 2.20 -21.66
CA LYS A 63 -6.95 3.20 -22.35
C LYS A 63 -7.99 2.51 -23.22
N ALA A 64 -7.61 1.38 -23.82
CA ALA A 64 -8.58 0.60 -24.64
C ALA A 64 -9.49 -0.33 -23.84
N GLY A 65 -9.36 -0.35 -22.51
CA GLY A 65 -10.18 -1.24 -21.70
C GLY A 65 -9.71 -2.70 -21.72
N GLU A 66 -8.46 -2.97 -22.11
CA GLU A 66 -8.03 -4.38 -22.34
C GLU A 66 -7.28 -4.90 -21.15
N GLU A 67 -7.26 -6.23 -20.97
CA GLU A 67 -6.52 -6.74 -19.79
C GLU A 67 -5.05 -6.61 -20.08
N SER A 68 -4.31 -6.21 -19.05
CA SER A 68 -2.88 -5.91 -19.18
C SER A 68 -2.31 -5.97 -17.80
N VAL A 69 -1.06 -6.42 -17.71
CA VAL A 69 -0.48 -6.68 -16.43
C VAL A 69 0.93 -6.20 -16.63
N ALA A 70 1.56 -5.66 -15.58
CA ALA A 70 2.97 -5.28 -15.65
C ALA A 70 3.65 -5.99 -14.52
N GLN A 71 4.77 -6.69 -14.82
CA GLN A 71 5.57 -7.40 -13.79
C GLN A 71 7.02 -6.96 -13.75
N VAL A 72 7.61 -6.94 -12.55
CA VAL A 72 9.03 -6.68 -12.43
C VAL A 72 9.64 -7.61 -11.38
N SER A 73 10.97 -7.63 -11.26
CA SER A 73 11.53 -8.67 -10.37
C SER A 73 11.89 -8.16 -9.00
N GLY A 74 11.81 -6.82 -8.76
CA GLY A 74 12.20 -6.31 -7.43
C GLY A 74 11.40 -5.08 -7.08
N VAL A 75 11.45 -4.68 -5.78
CA VAL A 75 10.65 -3.49 -5.32
C VAL A 75 11.21 -2.18 -5.80
N ARG A 76 12.52 -2.08 -6.05
CA ARG A 76 13.03 -0.85 -6.65
C ARG A 76 12.52 -0.62 -8.08
N GLU A 77 12.63 -1.64 -8.91
CA GLU A 77 12.07 -1.61 -10.26
C GLU A 77 10.56 -1.40 -10.23
N GLN A 78 9.85 -1.98 -9.24
CA GLN A 78 8.39 -1.78 -9.14
C GLN A 78 8.11 -0.24 -9.02
N ALA A 79 8.89 0.45 -8.19
CA ALA A 79 8.67 1.92 -7.99
C ALA A 79 9.00 2.68 -9.30
N ILE A 80 10.14 2.34 -9.93
CA ILE A 80 10.54 3.07 -11.12
C ILE A 80 9.56 2.86 -12.28
N LEU A 81 9.09 1.61 -12.49
CA LEU A 81 8.19 1.33 -13.61
C LEU A 81 6.82 1.98 -13.26
N THR A 82 6.48 1.99 -11.96
CA THR A 82 5.18 2.61 -11.55
C THR A 82 5.22 4.12 -11.94
N GLN A 83 6.32 4.80 -11.67
CA GLN A 83 6.45 6.25 -12.06
C GLN A 83 6.34 6.44 -13.57
N ALA A 84 6.98 5.55 -14.34
CA ALA A 84 6.92 5.66 -15.79
C ALA A 84 5.50 5.41 -16.29
N ILE A 85 4.82 4.41 -15.71
CA ILE A 85 3.44 4.10 -16.13
C ILE A 85 2.49 5.27 -15.78
N ARG A 86 2.59 5.79 -14.58
CA ARG A 86 1.65 6.95 -14.20
C ARG A 86 1.87 8.14 -15.15
N SER A 87 3.14 8.41 -15.47
CA SER A 87 3.43 9.54 -16.40
C SER A 87 2.73 9.31 -17.72
N GLU A 88 2.86 8.10 -18.26
CA GLU A 88 2.28 7.85 -19.52
C GLU A 88 0.76 7.77 -19.48
N LEU A 89 0.19 7.22 -18.39
CA LEU A 89 -1.27 7.21 -18.28
C LEU A 89 -1.84 8.67 -18.25
N LYS A 90 -1.08 9.60 -17.65
CA LYS A 90 -1.51 11.04 -17.67
C LYS A 90 -1.46 11.56 -19.07
N THR A 91 -0.33 11.33 -19.76
CA THR A 91 -0.18 11.81 -21.16
C THR A 91 -1.24 11.23 -22.12
N GLN A 92 -1.65 9.98 -21.89
CA GLN A 92 -2.70 9.32 -22.71
C GLN A 92 -4.15 9.61 -22.20
N GLY A 93 -4.31 10.41 -21.15
CA GLY A 93 -5.68 10.83 -20.79
C GLY A 93 -6.42 9.88 -19.87
N VAL A 94 -5.74 8.88 -19.35
CA VAL A 94 -6.37 7.88 -18.49
C VAL A 94 -6.36 8.28 -16.99
N LEU A 95 -5.31 8.92 -16.55
CA LEU A 95 -5.16 9.30 -15.14
C LEU A 95 -5.12 10.83 -15.10
N GLY A 96 -5.80 11.47 -14.14
CA GLY A 96 -5.83 12.98 -14.01
C GLY A 96 -4.46 13.53 -13.75
N HIS A 97 -4.25 14.79 -14.16
CA HIS A 97 -3.01 15.42 -13.82
C HIS A 97 -2.84 15.83 -12.37
N PRO A 98 -3.84 16.43 -11.72
CA PRO A 98 -3.61 16.78 -10.29
C PRO A 98 -3.38 15.55 -9.45
N GLU A 99 -2.43 15.63 -8.55
CA GLU A 99 -2.37 14.58 -7.55
C GLU A 99 -2.43 14.97 -6.14
N VAL A 100 -2.96 14.04 -5.38
CA VAL A 100 -3.13 14.24 -3.93
C VAL A 100 -2.24 13.22 -3.22
N THR A 101 -1.40 13.66 -2.27
CA THR A 101 -0.54 12.75 -1.50
C THR A 101 -1.23 12.29 -0.24
N THR A 103 -0.90 9.34 3.26
CA THR A 103 -0.14 8.29 3.94
C THR A 103 -0.92 7.00 3.79
N ALA A 104 -0.25 5.88 3.51
CA ALA A 104 -0.95 4.61 3.35
C ALA A 104 -0.09 3.54 3.98
N LEU A 105 -0.66 2.39 4.31
CA LEU A 105 0.14 1.35 5.01
C LEU A 105 0.40 0.11 4.10
N SER A 106 1.63 -0.36 4.17
CA SER A 106 2.08 -1.65 3.52
C SER A 106 2.60 -2.62 4.60
N PRO A 107 2.06 -3.85 4.64
CA PRO A 107 2.42 -4.93 5.60
C PRO A 107 3.92 -5.22 5.54
N VAL A 108 4.56 -5.48 6.69
CA VAL A 108 5.91 -6.02 6.74
C VAL A 108 5.67 -7.39 7.35
N TRP A 109 5.95 -8.45 6.61
CA TRP A 109 5.60 -9.79 7.03
C TRP A 109 6.43 -10.22 8.22
N LEU A 110 5.77 -10.83 9.22
CA LEU A 110 6.47 -11.42 10.39
C LEU A 110 6.01 -12.86 10.57
N ASP A 111 6.86 -13.77 11.09
CA ASP A 111 6.44 -15.19 11.32
C ASP A 111 7.22 -15.68 12.53
N SER A 112 7.09 -16.95 12.91
CA SER A 112 7.67 -17.41 14.21
C SER A 112 9.19 -17.27 14.19
N ARG A 113 9.82 -17.25 13.02
CA ARG A 113 11.30 -17.09 12.96
C ARG A 113 11.82 -15.67 13.02
N SER A 114 11.00 -14.69 12.63
CA SER A 114 11.48 -13.31 12.59
C SER A 114 10.93 -12.36 13.64
N ARG A 115 9.76 -12.70 14.25
CA ARG A 115 8.95 -11.80 15.08
C ARG A 115 9.72 -11.36 16.30
N TYR A 116 10.71 -12.15 16.76
CA TYR A 116 11.43 -11.77 17.95
C TYR A 116 12.79 -11.23 17.70
N LEU A 117 13.09 -10.86 16.45
CA LEU A 117 14.35 -10.26 16.06
C LEU A 117 14.25 -8.73 16.18
N ARG A 118 15.12 -8.13 17.00
CA ARG A 118 14.95 -6.67 17.29
C ARG A 118 14.95 -5.75 16.05
N ASP A 119 15.81 -5.96 15.08
CA ASP A 119 15.93 -4.98 13.96
C ASP A 119 14.88 -5.13 12.91
N TYR A 121 12.09 -4.30 13.76
CA TYR A 121 11.27 -3.12 14.18
C TYR A 121 12.02 -1.85 14.05
N ARG A 122 11.42 -0.78 13.46
CA ARG A 122 12.17 0.47 13.26
C ARG A 122 11.31 1.60 13.76
N PRO A 123 11.94 2.65 14.34
CA PRO A 123 11.07 3.76 14.83
C PRO A 123 10.19 4.29 13.67
N GLY A 124 8.90 4.56 13.90
CA GLY A 124 8.08 5.16 12.86
C GLY A 124 7.27 4.20 12.01
N VAL A 126 4.31 1.28 12.10
CA VAL A 126 3.05 1.15 12.77
C VAL A 126 2.85 -0.28 13.18
N GLU A 128 -0.16 -2.98 14.92
CA GLU A 128 -1.55 -3.18 15.35
C GLU A 128 -1.67 -4.41 16.16
N GLN A 129 -2.47 -4.33 17.24
CA GLN A 129 -2.78 -5.55 17.97
C GLN A 129 -4.26 -5.85 17.88
N TRP A 130 -4.56 -7.08 17.50
CA TRP A 130 -5.95 -7.53 17.42
C TRP A 130 -6.52 -7.64 18.84
N ASN A 131 -7.62 -6.94 19.08
CA ASN A 131 -8.37 -6.98 20.30
C ASN A 131 -9.53 -7.98 20.13
N PRO A 132 -9.55 -9.02 21.00
CA PRO A 132 -10.57 -10.09 20.86
C PRO A 132 -11.95 -9.58 21.33
N GLU A 133 -11.96 -8.72 22.36
CA GLU A 133 -13.13 -7.94 22.76
C GLU A 133 -13.01 -6.57 22.08
N THR A 134 -14.12 -6.06 21.57
CA THR A 134 -14.18 -4.90 20.65
C THR A 134 -14.07 -5.38 19.19
N ARG A 135 -13.65 -6.63 18.95
CA ARG A 135 -13.31 -7.10 17.58
C ARG A 135 -12.58 -6.00 16.78
N SER A 136 -11.54 -5.43 17.35
CA SER A 136 -10.96 -4.21 16.82
C SER A 136 -9.42 -4.33 16.76
N HIS A 137 -8.77 -3.72 15.76
CA HIS A 137 -7.29 -3.60 15.74
C HIS A 137 -6.83 -2.31 16.47
N ASP A 138 -6.19 -2.42 17.64
CA ASP A 138 -5.59 -1.22 18.31
C ASP A 138 -4.30 -0.79 17.63
N ARG A 139 -4.17 0.50 17.26
CA ARG A 139 -3.04 0.93 16.44
C ARG A 139 -2.02 1.82 17.16
N TYR A 140 -0.73 1.56 16.89
CA TYR A 140 0.37 2.41 17.44
C TYR A 140 1.43 2.77 16.49
N VAL A 141 2.22 3.78 16.84
CA VAL A 141 3.45 4.09 16.15
C VAL A 141 4.66 3.70 17.05
N ILE A 142 5.71 3.07 16.46
CA ILE A 142 6.95 2.78 17.23
C ILE A 142 7.77 4.03 17.40
N ASP A 143 7.91 4.54 18.65
CA ASP A 143 8.84 5.70 18.85
C ASP A 143 10.23 5.26 19.13
N ARG A 144 10.30 4.11 19.80
CA ARG A 144 11.59 3.67 20.27
C ARG A 144 11.78 2.18 20.17
N VAL A 145 13.02 1.78 19.79
CA VAL A 145 13.41 0.32 19.82
C VAL A 145 14.62 0.20 20.76
N THR A 146 14.49 -0.51 21.87
CA THR A 146 15.62 -0.50 22.81
C THR A 146 16.29 -1.83 22.81
N ALA A 147 17.58 -1.79 22.42
CA ALA A 147 18.51 -2.91 22.36
C ALA A 147 18.60 -3.69 23.70
N GLN A 148 19.14 -3.01 24.72
CA GLN A 148 19.53 -3.69 25.94
C GLN A 148 18.40 -4.50 26.51
N SER A 149 17.22 -3.92 26.48
CA SER A 149 16.08 -4.54 27.12
C SER A 149 15.07 -5.07 26.11
N HIS A 150 15.44 -5.07 24.82
CA HIS A 150 14.61 -5.82 23.77
C HIS A 150 13.17 -5.37 23.86
N SER A 151 12.98 -4.04 23.81
CA SER A 151 11.70 -3.43 24.16
C SER A 151 11.34 -2.45 23.09
N LEU A 152 10.02 -2.37 22.84
CA LEU A 152 9.49 -1.30 22.00
C LEU A 152 8.77 -0.29 22.85
N THR A 153 9.03 0.98 22.61
CA THR A 153 7.97 1.97 23.05
C THR A 153 6.97 2.46 21.97
N LEU A 154 5.69 2.19 22.24
CA LEU A 154 4.56 2.31 21.30
C LEU A 154 3.82 3.58 21.72
N ARG A 155 3.34 4.36 20.76
CA ARG A 155 2.53 5.52 21.12
C ARG A 155 1.17 5.40 20.45
N ASP A 156 0.08 5.71 21.15
CA ASP A 156 -1.24 5.55 20.52
C ASP A 156 -1.74 6.90 19.94
N ALA A 157 -2.94 6.84 19.36
CA ALA A 157 -3.47 8.04 18.66
C ALA A 157 -3.68 9.23 19.65
N GLN A 158 -4.00 8.90 20.91
CA GLN A 158 -4.14 9.90 21.98
C GLN A 158 -2.78 10.40 22.50
N GLY A 159 -1.70 9.64 22.28
CA GLY A 159 -0.35 10.12 22.51
C GLY A 159 0.18 9.47 23.77
N GLU A 160 -0.65 8.59 24.38
CA GLU A 160 -0.33 7.64 25.46
C GLU A 160 0.76 6.66 24.96
N THR A 161 1.77 6.34 25.80
CA THR A 161 2.79 5.33 25.42
C THR A 161 2.76 4.15 26.39
N GLN A 162 3.45 3.08 26.02
CA GLN A 162 3.59 1.94 26.89
C GLN A 162 4.85 1.26 26.34
N VAL A 163 5.50 0.42 27.15
CA VAL A 163 6.69 -0.32 26.70
C VAL A 163 6.26 -1.75 26.58
N VAL A 164 6.57 -2.38 25.45
CA VAL A 164 6.20 -3.78 25.28
C VAL A 164 7.52 -4.48 25.03
N ARG A 165 7.63 -5.66 25.65
CA ARG A 165 8.75 -6.53 25.49
C ARG A 165 8.54 -7.25 24.17
N ILE A 166 9.53 -7.10 23.33
CA ILE A 166 9.47 -7.75 22.00
C ILE A 166 9.08 -9.21 22.22
N SER A 167 9.41 -9.67 23.41
CA SER A 167 9.03 -11.00 23.86
C SER A 167 7.55 -11.42 23.89
N SER A 168 6.68 -10.54 24.37
CA SER A 168 5.26 -10.89 24.43
C SER A 168 4.54 -10.84 23.07
N LEU A 169 5.19 -10.35 22.01
CA LEU A 169 4.48 -10.34 20.71
C LEU A 169 4.20 -11.80 20.26
N ASP A 170 3.16 -11.97 19.51
CA ASP A 170 2.77 -13.29 19.06
C ASP A 170 2.04 -12.89 17.81
N SER A 171 1.31 -13.84 17.23
CA SER A 171 0.63 -13.56 15.97
C SER A 171 -0.61 -12.62 16.05
N SER A 172 -0.93 -12.06 17.21
CA SER A 172 -2.01 -11.07 17.29
C SER A 172 -1.48 -9.64 16.90
N TRP A 173 -0.18 -9.53 16.68
CA TRP A 173 0.37 -8.26 16.27
C TRP A 173 0.71 -8.24 14.79
N SER A 174 0.50 -7.10 14.15
CA SER A 174 0.93 -6.89 12.74
C SER A 174 1.77 -5.61 12.59
N LEU A 175 2.76 -5.61 11.68
CA LEU A 175 3.69 -4.51 11.50
C LEU A 175 3.46 -3.90 10.12
N PHE A 176 3.54 -2.56 9.97
CA PHE A 176 3.29 -1.92 8.64
C PHE A 176 4.30 -0.83 8.46
N ARG A 177 4.65 -0.54 7.21
CA ARG A 177 5.41 0.67 6.86
C ARG A 177 4.43 1.74 6.39
N PRO A 178 4.37 2.92 7.08
CA PRO A 178 3.60 4.03 6.50
C PRO A 178 4.43 4.60 5.30
N GLU A 179 3.82 4.81 4.15
CA GLU A 179 4.48 5.43 2.95
C GLU A 179 3.59 6.58 2.52
N LYS A 180 4.16 7.62 1.92
CA LYS A 180 3.40 8.73 1.34
C LYS A 180 3.26 8.30 -0.11
N PRO A 182 1.27 9.36 -4.11
CA PRO A 182 0.41 10.24 -4.93
C PRO A 182 -0.78 9.45 -5.51
N VAL A 183 -1.97 10.06 -5.51
CA VAL A 183 -3.15 9.45 -6.13
C VAL A 183 -3.81 10.47 -7.03
N ALA A 184 -4.20 10.07 -8.22
CA ALA A 184 -4.94 10.96 -9.18
C ALA A 184 -6.27 10.35 -9.58
N ASP A 185 -7.15 11.12 -10.20
CA ASP A 185 -8.41 10.57 -10.69
C ASP A 185 -8.04 9.44 -11.68
N GLY A 186 -8.67 8.28 -11.52
CA GLY A 186 -8.43 7.12 -12.38
C GLY A 186 -7.42 6.11 -11.78
N GLU A 187 -6.85 6.40 -10.60
CA GLU A 187 -5.78 5.52 -10.07
C GLU A 187 -6.31 4.10 -9.86
N ARG A 188 -5.45 3.11 -10.12
CA ARG A 188 -5.74 1.71 -9.71
C ARG A 188 -4.95 1.47 -8.42
N LEU A 189 -5.66 1.04 -7.37
CA LEU A 189 -5.08 0.74 -6.07
C LEU A 189 -5.20 -0.75 -5.77
N ARG A 190 -4.21 -1.25 -5.02
CA ARG A 190 -4.25 -2.63 -4.49
C ARG A 190 -4.58 -2.55 -3.00
N VAL A 191 -5.57 -3.32 -2.54
CA VAL A 191 -5.93 -3.34 -1.10
C VAL A 191 -4.93 -4.22 -0.36
N THR A 192 -4.34 -3.73 0.73
CA THR A 192 -3.36 -4.57 1.46
C THR A 192 -3.91 -5.09 2.80
N GLY A 193 -5.16 -4.77 3.13
CA GLY A 193 -5.77 -5.21 4.40
C GLY A 193 -7.20 -4.72 4.51
N LYS A 194 -7.93 -5.06 5.59
CA LYS A 194 -9.35 -4.65 5.65
C LYS A 194 -9.43 -3.08 5.68
N ILE A 195 -10.42 -2.53 4.96
CA ILE A 195 -10.64 -1.06 4.91
C ILE A 195 -11.96 -0.77 5.69
N PRO A 196 -11.89 0.09 6.74
CA PRO A 196 -13.10 0.42 7.52
C PRO A 196 -14.27 0.83 6.60
N GLY A 197 -15.40 0.17 6.78
CA GLY A 197 -16.57 0.53 6.02
C GLY A 197 -16.76 -0.22 4.74
N LEU A 198 -15.77 -0.98 4.30
CA LEU A 198 -15.86 -1.69 3.02
C LEU A 198 -15.77 -3.18 3.28
N ARG A 199 -16.29 -3.98 2.35
CA ARG A 199 -16.24 -5.43 2.47
C ARG A 199 -15.01 -6.00 1.69
N VAL A 200 -14.06 -5.16 1.27
CA VAL A 200 -12.94 -5.68 0.46
C VAL A 200 -11.86 -6.40 1.30
N SER A 201 -11.01 -7.22 0.69
CA SER A 201 -9.90 -7.88 1.43
C SER A 201 -8.57 -7.68 0.74
N GLY A 202 -7.49 -7.97 1.45
CA GLY A 202 -6.12 -7.96 0.88
C GLY A 202 -6.13 -8.59 -0.48
N GLY A 203 -5.42 -7.97 -1.43
CA GLY A 203 -5.39 -8.40 -2.82
C GLY A 203 -6.53 -7.87 -3.70
N ASP A 204 -7.60 -7.31 -3.15
CA ASP A 204 -8.65 -6.71 -4.06
C ASP A 204 -8.13 -5.48 -4.78
N ARG A 205 -8.77 -5.09 -5.88
CA ARG A 205 -8.39 -3.85 -6.61
C ARG A 205 -9.49 -2.81 -6.42
N LEU A 206 -9.09 -1.54 -6.26
CA LEU A 206 -10.13 -0.46 -6.24
C LEU A 206 -9.76 0.53 -7.35
N GLN A 207 -10.73 1.14 -8.03
CA GLN A 207 -10.45 2.20 -9.02
C GLN A 207 -10.90 3.49 -8.39
N VAL A 208 -9.99 4.45 -8.40
CA VAL A 208 -10.31 5.78 -7.85
C VAL A 208 -11.13 6.56 -8.92
N ALA A 209 -12.33 6.95 -8.57
CA ALA A 209 -13.18 7.75 -9.47
C ALA A 209 -12.81 9.24 -9.35
N SER A 210 -12.56 9.75 -8.16
CA SER A 210 -12.19 11.14 -8.00
C SER A 210 -11.37 11.29 -6.72
N VAL A 211 -10.45 12.26 -6.65
CA VAL A 211 -9.73 12.44 -5.40
C VAL A 211 -9.56 13.93 -5.22
N SER A 212 -9.66 14.36 -3.97
CA SER A 212 -9.42 15.76 -3.60
C SER A 212 -8.68 15.75 -2.26
N GLU A 213 -8.37 16.93 -1.73
CA GLU A 213 -7.72 17.01 -0.42
C GLU A 213 -8.58 16.39 0.70
N ASP A 214 -9.89 16.37 0.51
CA ASP A 214 -10.85 15.97 1.55
C ASP A 214 -11.40 14.53 1.45
N ALA A 215 -11.33 13.89 0.28
CA ALA A 215 -11.95 12.58 0.14
C ALA A 215 -11.49 11.94 -1.13
N THR A 217 -13.02 9.08 -3.77
CA THR A 217 -14.15 8.18 -4.05
C THR A 217 -13.68 7.01 -4.93
N VAL A 218 -14.08 5.79 -4.59
CA VAL A 218 -13.62 4.56 -5.27
C VAL A 218 -14.80 3.71 -5.75
N VAL A 219 -14.58 2.98 -6.86
CA VAL A 219 -15.52 2.03 -7.43
C VAL A 219 -15.08 0.69 -6.84
N VAL A 220 -16.00 0.10 -6.08
CA VAL A 220 -15.76 -1.16 -5.35
C VAL A 220 -16.40 -2.31 -6.12
N PRO A 221 -15.60 -3.35 -6.50
CA PRO A 221 -16.22 -4.44 -7.29
C PRO A 221 -17.42 -5.00 -6.50
N GLY A 222 -18.57 -5.17 -7.16
CA GLY A 222 -19.77 -5.69 -6.49
C GLY A 222 -20.30 -4.77 -5.39
N ARG A 223 -20.19 -3.47 -5.62
CA ARG A 223 -20.92 -2.49 -4.84
C ARG A 223 -21.44 -1.46 -5.82
N ALA A 224 -22.71 -1.08 -5.63
CA ALA A 224 -23.50 -0.29 -6.58
C ALA A 224 -23.02 1.15 -6.69
N GLU A 225 -22.80 1.76 -5.55
CA GLU A 225 -22.54 3.16 -5.49
C GLU A 225 -21.03 3.34 -5.25
N PRO A 226 -20.46 4.45 -5.72
CA PRO A 226 -19.04 4.71 -5.33
C PRO A 226 -18.99 4.98 -3.84
N ALA A 227 -17.91 4.55 -3.20
CA ALA A 227 -17.71 4.71 -1.75
C ALA A 227 -16.72 5.82 -1.51
N SER A 228 -16.93 6.63 -0.46
CA SER A 228 -16.00 7.73 -0.17
C SER A 228 -15.10 7.32 0.95
N LEU A 229 -13.78 7.51 0.75
CA LEU A 229 -12.80 7.23 1.77
C LEU A 229 -12.00 8.45 2.19
N PRO A 230 -11.41 8.43 3.41
CA PRO A 230 -10.61 9.55 3.89
C PRO A 230 -9.30 9.71 3.12
N VAL A 231 -8.79 10.94 3.06
CA VAL A 231 -7.42 11.18 2.49
C VAL A 231 -6.51 11.47 3.70
N SER A 232 -5.69 10.48 4.09
CA SER A 232 -4.98 10.41 5.36
C SER A 232 -3.70 11.19 5.29
N ASP A 233 -3.42 11.96 6.35
CA ASP A 233 -2.08 12.44 6.52
C ASP A 233 -1.51 12.10 7.88
N SER A 234 -1.93 10.97 8.43
CA SER A 234 -1.34 10.47 9.65
C SER A 234 -1.27 8.91 9.59
N PRO A 235 -0.23 8.35 10.19
CA PRO A 235 -0.25 6.89 10.36
C PRO A 235 -1.50 6.36 11.09
N PHE A 236 -2.12 7.14 11.99
CA PHE A 236 -3.33 6.61 12.66
C PHE A 236 -4.60 6.59 11.87
N THR A 237 -4.67 7.27 10.72
CA THR A 237 -5.92 7.27 9.90
C THR A 237 -5.61 6.56 8.56
N ALA A 238 -4.34 6.21 8.38
CA ALA A 238 -3.85 5.66 7.08
C ALA A 238 -4.55 4.35 6.75
N LEU A 239 -4.90 4.16 5.47
CA LEU A 239 -5.65 2.96 5.01
C LEU A 239 -4.60 1.96 4.46
N LYS A 240 -5.00 0.69 4.41
CA LYS A 240 -4.14 -0.40 3.99
C LYS A 240 -4.33 -0.52 2.45
N LEU A 241 -3.58 0.30 1.71
CA LEU A 241 -3.73 0.44 0.24
C LEU A 241 -2.31 0.71 -0.21
N GLU A 242 -2.07 0.39 -1.49
CA GLU A 242 -0.87 0.79 -2.20
C GLU A 242 -1.22 0.92 -3.69
N ASN A 243 -0.32 1.53 -4.49
CA ASN A 243 -0.66 1.67 -5.91
C ASN A 243 -0.64 0.28 -6.54
N GLY A 244 -1.52 0.09 -7.50
CA GLY A 244 -1.86 -1.24 -8.03
C GLY A 244 -1.52 -1.41 -9.48
N TRP A 245 -0.83 -0.46 -10.11
CA TRP A 245 -0.59 -0.59 -11.58
C TRP A 245 0.40 -1.73 -11.88
N VAL A 246 1.43 -1.84 -11.06
CA VAL A 246 2.46 -2.92 -11.25
C VAL A 246 2.26 -4.03 -10.26
N GLU A 247 2.36 -5.30 -10.72
CA GLU A 247 2.29 -6.47 -9.71
C GLU A 247 3.35 -6.48 -8.65
N THR A 248 3.00 -6.99 -7.45
CA THR A 248 4.03 -7.21 -6.41
C THR A 248 4.99 -8.23 -6.98
N PRO A 249 6.33 -7.98 -6.86
CA PRO A 249 7.34 -9.01 -7.31
C PRO A 249 7.42 -10.26 -6.45
N GLY A 250 8.06 -11.32 -6.98
CA GLY A 250 8.44 -12.50 -6.16
C GLY A 250 8.08 -13.84 -6.82
N HIS A 251 7.06 -13.86 -7.70
CA HIS A 251 6.60 -15.13 -8.35
C HIS A 251 6.27 -14.85 -9.82
N SER A 252 7.17 -14.12 -10.50
CA SER A 252 6.93 -13.53 -11.83
C SER A 252 7.19 -14.55 -12.94
N VAL A 253 6.70 -14.25 -14.13
CA VAL A 253 7.08 -15.07 -15.33
C VAL A 253 8.60 -15.07 -15.63
N SER A 254 9.25 -13.91 -15.54
CA SER A 254 10.72 -13.88 -15.68
C SER A 254 11.27 -12.72 -14.88
N ASP A 255 12.61 -12.60 -14.86
CA ASP A 255 13.20 -11.51 -14.07
C ASP A 255 13.12 -10.16 -14.76
N SER A 256 12.89 -10.16 -16.08
CA SER A 256 12.87 -8.90 -16.84
C SER A 256 11.57 -8.18 -16.61
N ALA A 257 11.64 -6.85 -16.55
CA ALA A 257 10.43 -6.05 -16.58
C ALA A 257 9.61 -6.32 -17.84
N THR A 258 8.33 -6.65 -17.65
CA THR A 258 7.52 -7.12 -18.77
C THR A 258 6.08 -6.58 -18.70
N VAL A 259 5.54 -6.18 -19.85
CA VAL A 259 4.11 -5.84 -19.98
C VAL A 259 3.39 -6.95 -20.76
N PHE A 260 2.30 -7.50 -20.20
CA PHE A 260 1.47 -8.48 -20.90
C PHE A 260 0.21 -7.71 -21.34
N ALA A 261 0.17 -7.32 -22.61
CA ALA A 261 -0.90 -6.45 -23.17
C ALA A 261 -1.43 -6.94 -24.52
#